data_2XAC
#
_entry.id   2XAC
#
_cell.length_a   39.212
_cell.length_b   65.526
_cell.length_c   82.824
_cell.angle_alpha   90.00
_cell.angle_beta   90.26
_cell.angle_gamma   90.00
#
_symmetry.space_group_name_H-M   'P 1 21 1'
#
loop_
_entity.id
_entity.type
_entity.pdbx_description
1 polymer 'VASCULAR ENDOTHELIAL GROWTH FACTOR B'
2 polymer 'VASCULAR ENDOTHELIAL GROWTH FACTOR RECEPTOR 1'
3 non-polymer GLYCEROL
4 water water
#
loop_
_entity_poly.entity_id
_entity_poly.type
_entity_poly.pdbx_seq_one_letter_code
_entity_poly.pdbx_strand_id
1 'polypeptide(L)'
;HQRKVVSWIDVYTRATCQPREVVVPLTVELMGTVAKQLVPSCVTVQRCGGCCPDDGLECVPTGQHQVRMQILMIRYPSSQ
LGEMSLEEHSQCECRPKKK
;
A,B
2 'polypeptide(L)'
;SDTGRPFVEMYSEIPEIIHMTEGRELVIPCRVTSPNITVTLKKFPLDTLIPDGKRIIWDSRKGFIISNATYKEIGLLTCE
ATVNGHLYKTNYLTHRQT
;
C,X
#
loop_
_chem_comp.id
_chem_comp.type
_chem_comp.name
_chem_comp.formula
GOL non-polymer GLYCEROL 'C3 H8 O3'
#
# COMPACT_ATOMS: atom_id res chain seq x y z
N HIS A 1 0.79 -14.20 14.35
CA HIS A 1 2.28 -14.24 14.52
C HIS A 1 2.73 -13.52 15.79
N GLN A 2 2.34 -12.26 15.93
CA GLN A 2 2.73 -11.42 17.05
C GLN A 2 1.55 -10.59 17.59
N ARG A 3 0.46 -11.30 17.91
CA ARG A 3 -0.72 -10.71 18.56
C ARG A 3 -1.81 -10.20 17.64
N LYS A 4 -3.03 -10.12 18.18
CA LYS A 4 -4.15 -9.40 17.56
C LYS A 4 -3.81 -7.90 17.60
N VAL A 5 -3.18 -7.52 18.72
CA VAL A 5 -2.54 -6.22 18.84
C VAL A 5 -1.27 -6.23 17.99
N VAL A 6 -1.23 -5.36 16.98
CA VAL A 6 -0.07 -5.23 16.09
C VAL A 6 1.18 -4.90 16.92
N SER A 7 2.14 -5.81 16.89
CA SER A 7 3.33 -5.71 17.72
C SER A 7 4.25 -4.60 17.26
N TRP A 8 4.96 -4.04 18.23
CA TRP A 8 5.99 -3.05 18.01
C TRP A 8 7.12 -3.83 17.40
N ILE A 9 7.71 -3.28 16.36
CA ILE A 9 8.52 -4.07 15.48
C ILE A 9 7.75 -4.15 14.22
N ASP A 10 6.60 -4.82 14.26
CA ASP A 10 5.79 -5.02 13.07
C ASP A 10 5.13 -3.71 12.71
N VAL A 11 4.89 -2.91 13.75
CA VAL A 11 4.35 -1.56 13.60
C VAL A 11 5.38 -0.63 12.98
N TYR A 12 6.61 -0.66 13.51
CA TYR A 12 7.68 0.22 13.05
C TYR A 12 8.03 -0.02 11.58
N THR A 13 8.43 -1.24 11.24
CA THR A 13 8.80 -1.61 9.87
C THR A 13 7.71 -1.24 8.85
N ARG A 14 6.47 -1.54 9.21
CA ARG A 14 5.33 -1.22 8.36
C ARG A 14 5.25 0.28 8.12
N ALA A 15 5.46 1.06 9.18
CA ALA A 15 5.37 2.52 9.11
C ALA A 15 6.74 3.17 8.94
N THR A 16 7.58 2.56 8.12
CA THR A 16 8.91 3.11 7.88
C THR A 16 9.03 3.63 6.46
N CYS A 17 9.91 4.62 6.29
CA CYS A 17 10.18 5.27 5.02
C CYS A 17 10.39 4.26 3.89
N GLN A 18 9.36 4.11 3.05
CA GLN A 18 9.46 3.32 1.84
C GLN A 18 8.54 3.84 0.73
N PRO A 19 8.68 3.31 -0.50
CA PRO A 19 7.74 3.71 -1.53
C PRO A 19 6.40 3.00 -1.31
N ARG A 20 5.31 3.74 -1.46
CA ARG A 20 3.97 3.20 -1.22
C ARG A 20 2.89 3.85 -2.08
N GLU A 21 1.76 3.17 -2.21
CA GLU A 21 0.68 3.63 -3.10
C GLU A 21 -0.11 4.81 -2.54
N VAL A 22 -0.14 5.88 -3.34
CA VAL A 22 -0.83 7.11 -3.01
C VAL A 22 -1.67 7.55 -4.21
N VAL A 23 -2.96 7.81 -3.95
CA VAL A 23 -3.88 8.30 -4.96
C VAL A 23 -3.48 9.72 -5.35
N VAL A 24 -3.52 9.98 -6.66
CA VAL A 24 -3.09 11.24 -7.25
C VAL A 24 -4.06 11.60 -8.38
N PRO A 25 -4.45 12.90 -8.46
CA PRO A 25 -5.35 13.38 -9.52
C PRO A 25 -4.72 13.26 -10.90
N LEU A 26 -5.49 13.54 -11.95
CA LEU A 26 -4.94 13.50 -13.29
C LEU A 26 -4.04 14.71 -13.55
N THR A 27 -2.95 14.48 -14.30
CA THR A 27 -1.91 15.50 -14.45
C THR A 27 -2.39 16.68 -15.29
N VAL A 28 -2.16 17.89 -14.78
CA VAL A 28 -2.29 19.10 -15.59
C VAL A 28 -1.46 18.82 -16.84
N GLU A 29 -2.15 18.64 -17.96
CA GLU A 29 -1.51 18.14 -19.19
C GLU A 29 -2.41 17.12 -19.85
N LEU A 30 -2.92 16.19 -19.05
CA LEU A 30 -4.04 15.35 -19.47
C LEU A 30 -5.35 15.84 -18.88
N MET A 31 -5.28 16.92 -18.11
CA MET A 31 -6.50 17.60 -17.66
C MET A 31 -6.96 18.59 -18.72
N GLY A 32 -6.07 18.87 -19.68
CA GLY A 32 -6.35 19.77 -20.78
C GLY A 32 -6.86 19.08 -22.03
N THR A 33 -6.53 17.80 -22.16
CA THR A 33 -6.88 16.98 -23.33
C THR A 33 -8.34 17.14 -23.73
N VAL A 34 -8.59 17.17 -25.04
CA VAL A 34 -9.94 17.31 -25.58
C VAL A 34 -10.67 15.97 -25.43
N ALA A 35 -11.37 15.80 -24.31
CA ALA A 35 -12.07 14.55 -23.97
C ALA A 35 -13.30 14.80 -23.09
N LYS A 36 -14.39 14.09 -23.38
CA LYS A 36 -15.67 14.28 -22.70
C LYS A 36 -15.64 13.85 -21.23
N GLN A 37 -14.80 12.84 -20.96
CA GLN A 37 -14.57 12.33 -19.62
C GLN A 37 -13.22 11.63 -19.61
N LEU A 38 -12.57 11.62 -18.44
CA LEU A 38 -11.30 10.93 -18.29
C LEU A 38 -11.41 9.82 -17.25
N VAL A 39 -11.19 8.57 -17.68
CA VAL A 39 -11.39 7.42 -16.81
C VAL A 39 -10.11 6.62 -16.64
N PRO A 40 -9.64 6.45 -15.38
CA PRO A 40 -10.28 6.98 -14.16
C PRO A 40 -9.94 8.46 -13.89
N SER A 41 -10.56 9.04 -12.87
CA SER A 41 -10.33 10.45 -12.50
C SER A 41 -9.09 10.62 -11.62
N CYS A 42 -8.49 9.50 -11.23
CA CYS A 42 -7.29 9.49 -10.41
C CYS A 42 -6.39 8.31 -10.79
N VAL A 43 -5.09 8.43 -10.50
CA VAL A 43 -4.17 7.30 -10.62
C VAL A 43 -3.34 7.11 -9.36
N THR A 44 -3.16 5.85 -8.97
CA THR A 44 -2.32 5.50 -7.83
C THR A 44 -0.89 5.34 -8.29
N VAL A 45 0.00 6.06 -7.62
CA VAL A 45 1.43 6.00 -7.86
C VAL A 45 2.14 5.47 -6.61
N GLN A 46 3.43 5.18 -6.77
CA GLN A 46 4.29 4.71 -5.69
C GLN A 46 5.20 5.85 -5.29
N ARG A 47 5.14 6.24 -4.02
CA ARG A 47 5.82 7.45 -3.54
C ARG A 47 6.38 7.24 -2.13
N CYS A 48 7.47 7.94 -1.82
CA CYS A 48 8.14 7.80 -0.53
C CYS A 48 7.25 8.28 0.61
N GLY A 49 6.64 7.31 1.28
CA GLY A 49 5.77 7.60 2.41
C GLY A 49 6.41 7.03 3.65
N GLY A 50 5.60 6.82 4.68
CA GLY A 50 6.12 6.43 5.99
C GLY A 50 6.73 7.64 6.65
N CYS A 51 7.60 7.40 7.63
CA CYS A 51 8.25 8.48 8.36
C CYS A 51 9.66 8.09 8.81
N CYS A 52 10.47 9.12 9.02
CA CYS A 52 11.82 8.95 9.55
C CYS A 52 11.76 8.95 11.08
N PRO A 53 12.86 8.55 11.74
CA PRO A 53 12.80 8.54 13.20
C PRO A 53 13.08 9.93 13.80
N ASP A 54 13.05 10.96 12.98
CA ASP A 54 13.26 12.33 13.45
C ASP A 54 12.47 13.37 12.71
N ASP A 55 12.24 14.51 13.38
CA ASP A 55 11.77 15.74 12.75
C ASP A 55 12.79 16.22 11.73
N GLY A 56 14.06 16.01 12.04
CA GLY A 56 15.17 16.39 11.18
C GLY A 56 15.23 15.63 9.88
N LEU A 57 15.11 14.31 9.96
CA LEU A 57 15.21 13.47 8.76
C LEU A 57 13.89 13.42 7.99
N GLU A 58 13.98 13.54 6.67
CA GLU A 58 12.81 13.43 5.79
C GLU A 58 12.96 12.28 4.80
N CYS A 59 11.85 11.55 4.59
CA CYS A 59 11.79 10.42 3.69
C CYS A 59 11.77 10.90 2.23
N VAL A 60 12.91 10.74 1.56
CA VAL A 60 13.07 11.17 0.16
C VAL A 60 13.43 10.00 -0.78
N PRO A 61 13.25 10.19 -2.10
CA PRO A 61 13.51 9.13 -3.07
C PRO A 61 14.94 9.10 -3.63
N THR A 62 15.54 7.92 -3.59
CA THR A 62 16.88 7.70 -4.14
C THR A 62 16.81 6.95 -5.45
N GLY A 63 15.61 6.48 -5.79
CA GLY A 63 15.35 5.82 -7.07
C GLY A 63 13.94 6.17 -7.52
N GLN A 64 13.81 6.58 -8.77
CA GLN A 64 12.54 7.06 -9.30
C GLN A 64 12.50 7.03 -10.82
N HIS A 65 11.31 7.23 -11.38
CA HIS A 65 11.08 7.10 -12.82
C HIS A 65 9.72 7.69 -13.16
N GLN A 66 9.48 7.94 -14.45
CA GLN A 66 8.16 8.35 -14.93
C GLN A 66 7.39 7.12 -15.40
N VAL A 67 6.17 6.97 -14.89
CA VAL A 67 5.29 5.89 -15.33
C VAL A 67 4.43 6.40 -16.46
N ARG A 68 4.49 5.73 -17.60
CA ARG A 68 3.50 5.95 -18.64
C ARG A 68 2.34 5.03 -18.33
N MET A 69 1.17 5.62 -18.12
CA MET A 69 -0.05 4.85 -17.94
C MET A 69 -1.15 5.46 -18.78
N GLN A 70 -1.84 4.60 -19.52
CA GLN A 70 -2.90 5.02 -20.42
C GLN A 70 -4.21 5.33 -19.68
N ILE A 71 -4.76 6.50 -20.01
CA ILE A 71 -6.05 6.96 -19.53
C ILE A 71 -7.07 6.87 -20.65
N LEU A 72 -8.31 6.52 -20.30
CA LEU A 72 -9.39 6.47 -21.28
C LEU A 72 -9.95 7.86 -21.53
N MET A 73 -9.97 8.24 -22.80
CA MET A 73 -10.49 9.54 -23.21
C MET A 73 -11.79 9.35 -23.98
N ILE A 74 -12.86 9.24 -23.21
CA ILE A 74 -14.21 9.15 -23.77
C ILE A 74 -14.44 10.40 -24.59
N ARG A 75 -14.71 10.21 -25.87
CA ARG A 75 -14.88 11.31 -26.81
C ARG A 75 -15.48 10.80 -28.12
N TYR A 76 -16.05 11.72 -28.90
CA TYR A 76 -16.41 11.50 -30.32
C TYR A 76 -17.35 10.30 -30.56
N PRO A 77 -17.27 9.69 -31.77
CA PRO A 77 -17.94 8.40 -31.99
C PRO A 77 -17.28 7.28 -31.19
N SER A 78 -15.96 7.36 -31.05
CA SER A 78 -15.17 6.34 -30.37
C SER A 78 -14.21 6.94 -29.36
N SER A 79 -14.18 6.35 -28.16
CA SER A 79 -13.20 6.70 -27.13
C SER A 79 -11.85 6.12 -27.51
N GLN A 80 -10.77 6.77 -27.08
CA GLN A 80 -9.44 6.21 -27.30
C GLN A 80 -8.53 6.32 -26.06
N LEU A 81 -7.36 5.69 -26.14
CA LEU A 81 -6.41 5.69 -25.03
C LEU A 81 -5.33 6.73 -25.24
N GLY A 82 -5.09 7.52 -24.19
CA GLY A 82 -4.01 8.50 -24.18
C GLY A 82 -3.02 8.19 -23.07
N GLU A 83 -1.76 8.55 -23.29
CA GLU A 83 -0.70 8.21 -22.36
C GLU A 83 -0.45 9.32 -21.35
N MET A 84 -0.54 8.97 -20.07
CA MET A 84 -0.21 9.87 -18.97
C MET A 84 1.09 9.47 -18.28
N SER A 85 2.01 10.42 -18.22
CA SER A 85 3.27 10.22 -17.53
C SER A 85 3.39 11.16 -16.35
N LEU A 86 3.88 10.61 -15.25
CA LEU A 86 4.11 11.36 -14.00
C LEU A 86 5.28 10.80 -13.17
N GLU A 87 5.61 11.48 -12.08
CA GLU A 87 6.69 11.06 -11.18
C GLU A 87 6.31 9.86 -10.30
N GLU A 88 7.13 8.81 -10.34
CA GLU A 88 6.97 7.67 -9.44
C GLU A 88 8.30 7.21 -8.85
N HIS A 89 8.29 6.92 -7.55
CA HIS A 89 9.51 6.57 -6.83
C HIS A 89 9.61 5.08 -6.57
N SER A 90 10.81 4.53 -6.77
CA SER A 90 11.10 3.12 -6.50
C SER A 90 11.94 2.95 -5.22
N GLN A 91 13.11 3.56 -5.17
CA GLN A 91 13.94 3.53 -3.97
C GLN A 91 13.74 4.78 -3.12
N CYS A 92 13.60 4.58 -1.82
CA CYS A 92 13.46 5.69 -0.89
C CYS A 92 14.54 5.65 0.17
N GLU A 93 14.69 6.77 0.90
CA GLU A 93 15.76 6.93 1.88
C GLU A 93 15.42 8.08 2.83
N CYS A 94 15.62 7.84 4.13
CA CYS A 94 15.44 8.88 5.13
C CYS A 94 16.67 9.77 5.20
N ARG A 95 16.53 11.02 4.74
CA ARG A 95 17.67 11.95 4.69
C ARG A 95 17.44 13.24 5.47
N PRO A 96 18.54 13.93 5.87
CA PRO A 96 18.47 15.24 6.53
C PRO A 96 17.78 16.29 5.68
N LYS A 97 17.12 17.24 6.34
CA LYS A 97 16.36 18.30 5.68
C LYS A 97 17.22 19.48 5.16
N LYS A 98 16.54 20.56 4.75
CA LYS A 98 17.18 21.79 4.30
C LYS A 98 16.70 22.96 5.16
N LYS A 99 17.44 24.07 5.13
CA LYS A 99 17.06 25.27 5.89
C LYS A 99 16.32 26.26 5.00
N GLN B 2 11.69 4.37 -16.80
CA GLN B 2 10.24 4.16 -17.08
C GLN B 2 9.84 2.69 -16.93
N ARG B 3 10.05 1.92 -18.00
CA ARG B 3 9.59 0.54 -18.11
C ARG B 3 8.54 0.40 -19.20
N LYS B 4 7.41 -0.22 -18.85
CA LYS B 4 6.33 -0.47 -19.80
C LYS B 4 5.10 0.37 -19.45
N VAL B 5 4.29 0.69 -20.47
CA VAL B 5 3.06 1.46 -20.27
C VAL B 5 2.06 0.61 -19.50
N VAL B 6 1.71 1.06 -18.29
CA VAL B 6 0.72 0.36 -17.47
C VAL B 6 -0.61 0.38 -18.19
N SER B 7 -1.12 -0.80 -18.51
CA SER B 7 -2.31 -0.94 -19.35
C SER B 7 -3.52 -0.34 -18.67
N TRP B 8 -4.44 0.23 -19.46
CA TRP B 8 -5.57 0.94 -18.91
C TRP B 8 -6.33 0.15 -17.86
N ILE B 9 -6.69 -1.09 -18.19
CA ILE B 9 -7.30 -2.03 -17.25
C ILE B 9 -6.71 -1.92 -15.86
N ASP B 10 -5.38 -1.90 -15.78
CA ASP B 10 -4.69 -1.89 -14.50
C ASP B 10 -4.67 -0.50 -13.89
N VAL B 11 -4.57 0.51 -14.75
CA VAL B 11 -4.65 1.89 -14.30
C VAL B 11 -6.00 2.04 -13.60
N TYR B 12 -7.06 1.56 -14.25
CA TYR B 12 -8.40 1.62 -13.67
C TYR B 12 -8.50 0.72 -12.45
N THR B 13 -8.09 -0.53 -12.59
CA THR B 13 -8.08 -1.49 -11.48
C THR B 13 -7.43 -0.82 -10.27
N ARG B 14 -6.19 -0.38 -10.43
CA ARG B 14 -5.44 0.30 -9.37
C ARG B 14 -5.79 1.81 -9.31
N ALA B 15 -7.08 2.12 -9.29
CA ALA B 15 -7.56 3.51 -9.14
C ALA B 15 -9.01 3.57 -8.68
N THR B 16 -9.56 2.40 -8.34
CA THR B 16 -10.94 2.33 -7.90
C THR B 16 -11.01 2.39 -6.39
N CYS B 17 -12.23 2.54 -5.87
CA CYS B 17 -12.52 2.62 -4.44
C CYS B 17 -12.22 1.30 -3.76
N GLN B 18 -11.08 1.23 -3.08
CA GLN B 18 -10.70 0.02 -2.36
C GLN B 18 -9.90 0.38 -1.10
N PRO B 19 -9.87 -0.53 -0.10
CA PRO B 19 -9.09 -0.25 1.08
C PRO B 19 -7.60 -0.30 0.74
N ARG B 20 -6.88 0.76 1.09
CA ARG B 20 -5.46 0.85 0.75
C ARG B 20 -4.63 1.56 1.81
N GLU B 21 -3.35 1.19 1.87
CA GLU B 21 -2.44 1.65 2.92
C GLU B 21 -2.13 3.14 2.88
N VAL B 22 -2.44 3.80 3.98
CA VAL B 22 -2.21 5.24 4.14
C VAL B 22 -1.29 5.46 5.35
N VAL B 23 -0.41 6.44 5.23
CA VAL B 23 0.46 6.84 6.34
C VAL B 23 -0.27 7.81 7.24
N VAL B 24 -0.49 7.39 8.49
CA VAL B 24 -1.19 8.20 9.46
C VAL B 24 -0.17 8.78 10.45
N PRO B 25 0.09 10.10 10.33
CA PRO B 25 0.98 10.77 11.28
C PRO B 25 0.29 10.87 12.63
N LEU B 26 1.01 10.49 13.69
CA LEU B 26 0.42 10.38 15.02
C LEU B 26 0.65 11.60 15.91
N THR B 27 0.48 12.78 15.33
CA THR B 27 0.60 14.06 16.04
C THR B 27 -0.74 14.55 16.58
N VAL B 28 -1.79 14.30 15.81
CA VAL B 28 -3.16 14.77 16.08
C VAL B 28 -3.65 14.57 17.52
N GLU B 29 -3.38 13.39 18.08
CA GLU B 29 -3.85 13.05 19.42
C GLU B 29 -3.11 13.72 20.57
N LEU B 30 -3.20 13.11 21.75
CA LEU B 30 -2.53 13.58 22.96
C LEU B 30 -1.01 13.38 22.85
N MET B 31 -0.27 14.48 22.86
CA MET B 31 1.17 14.39 22.80
C MET B 31 1.89 15.14 23.93
N GLY B 32 1.73 14.64 25.14
CA GLY B 32 2.35 15.26 26.30
C GLY B 32 2.97 14.23 27.24
N THR B 33 2.29 13.09 27.38
CA THR B 33 2.77 12.03 28.24
C THR B 33 3.78 12.51 29.27
N VAL B 34 4.87 11.76 29.42
CA VAL B 34 5.97 12.10 30.36
C VAL B 34 7.04 12.95 29.69
N ALA B 35 6.72 13.50 28.52
CA ALA B 35 7.66 14.34 27.79
C ALA B 35 8.51 13.54 26.89
N LYS B 36 8.34 13.73 25.58
CA LYS B 36 9.14 13.02 24.60
C LYS B 36 8.41 12.82 23.29
N GLN B 37 8.71 11.72 22.60
CA GLN B 37 8.08 11.42 21.32
C GLN B 37 7.71 9.94 21.18
N LEU B 38 6.64 9.69 20.45
CA LEU B 38 6.19 8.34 20.16
C LEU B 38 7.06 7.74 19.06
N VAL B 39 7.25 6.43 19.12
CA VAL B 39 8.05 5.71 18.12
C VAL B 39 7.36 4.42 17.69
N PRO B 40 7.04 4.29 16.40
CA PRO B 40 7.25 5.31 15.36
C PRO B 40 6.34 6.52 15.54
N SER B 41 6.68 7.62 14.88
CA SER B 41 5.88 8.84 14.91
C SER B 41 4.86 8.89 13.77
N CYS B 42 4.53 7.71 13.24
CA CYS B 42 3.56 7.54 12.15
C CYS B 42 3.19 6.07 12.02
N VAL B 43 2.00 5.80 11.48
CA VAL B 43 1.55 4.42 11.26
C VAL B 43 0.98 4.18 9.87
N THR B 44 1.00 2.90 9.46
CA THR B 44 0.41 2.48 8.20
C THR B 44 -0.86 1.68 8.49
N VAL B 45 -1.95 2.07 7.83
CA VAL B 45 -3.25 1.43 8.07
C VAL B 45 -4.11 1.38 6.79
N GLN B 46 -4.90 0.32 6.65
CA GLN B 46 -5.74 0.09 5.49
C GLN B 46 -6.94 1.03 5.51
N ARG B 47 -7.07 1.89 4.50
CA ARG B 47 -8.13 2.91 4.43
C ARG B 47 -8.71 3.06 3.02
N CYS B 48 -10.03 3.23 2.94
CA CYS B 48 -10.72 3.40 1.66
C CYS B 48 -10.13 4.56 0.89
N GLY B 49 -9.75 4.28 -0.35
CA GLY B 49 -9.16 5.27 -1.23
C GLY B 49 -9.58 5.03 -2.65
N GLY B 50 -9.03 5.83 -3.57
CA GLY B 50 -9.42 5.75 -4.96
C GLY B 50 -10.43 6.81 -5.33
N CYS B 51 -10.84 6.79 -6.59
CA CYS B 51 -11.83 7.71 -7.09
C CYS B 51 -13.01 6.93 -7.66
N CYS B 52 -14.22 7.45 -7.39
CA CYS B 52 -15.46 6.89 -7.89
C CYS B 52 -15.77 7.43 -9.29
N PRO B 53 -16.74 6.79 -10.00
CA PRO B 53 -17.14 7.17 -11.37
C PRO B 53 -17.39 8.66 -11.62
N ASP B 54 -17.95 9.37 -10.64
CA ASP B 54 -18.26 10.78 -10.78
C ASP B 54 -18.24 11.50 -9.48
N ASP B 55 -18.41 12.83 -9.49
CA ASP B 55 -18.46 13.65 -8.27
C ASP B 55 -19.66 13.34 -7.39
N GLY B 56 -20.65 12.73 -7.99
CA GLY B 56 -21.88 12.37 -7.31
C GLY B 56 -21.66 11.30 -6.27
N LEU B 57 -20.76 10.36 -6.60
CA LEU B 57 -20.43 9.26 -5.69
C LEU B 57 -19.17 9.53 -4.89
N GLU B 58 -19.23 9.19 -3.60
CA GLU B 58 -18.06 9.22 -2.74
C GLU B 58 -17.64 7.80 -2.39
N CYS B 59 -16.36 7.65 -2.08
CA CYS B 59 -15.78 6.35 -1.74
C CYS B 59 -15.76 6.14 -0.22
N VAL B 60 -16.74 5.38 0.27
CA VAL B 60 -16.88 5.11 1.69
C VAL B 60 -16.62 3.64 2.02
N PRO B 61 -16.29 3.34 3.31
CA PRO B 61 -16.10 1.98 3.82
C PRO B 61 -17.39 1.19 4.02
N THR B 62 -17.31 -0.12 3.80
CA THR B 62 -18.42 -1.03 4.07
C THR B 62 -18.08 -2.04 5.14
N GLY B 63 -16.84 -1.99 5.60
CA GLY B 63 -16.39 -2.78 6.74
C GLY B 63 -15.12 -2.18 7.29
N GLN B 64 -15.10 -1.98 8.60
CA GLN B 64 -13.92 -1.46 9.26
C GLN B 64 -13.73 -2.08 10.63
N HIS B 65 -12.60 -1.79 11.25
CA HIS B 65 -12.31 -2.27 12.60
C HIS B 65 -11.29 -1.38 13.28
N GLN B 66 -11.14 -1.60 14.59
CA GLN B 66 -10.09 -0.96 15.37
C GLN B 66 -8.81 -1.80 15.35
N VAL B 67 -7.68 -1.11 15.21
CA VAL B 67 -6.35 -1.72 15.23
C VAL B 67 -5.55 -1.26 16.44
N ARG B 68 -5.38 -2.14 17.41
CA ARG B 68 -4.52 -1.85 18.55
C ARG B 68 -3.07 -2.08 18.13
N MET B 69 -2.26 -1.02 18.18
CA MET B 69 -0.86 -1.09 17.73
C MET B 69 0.11 -0.59 18.80
N GLN B 70 1.03 -1.45 19.21
CA GLN B 70 2.00 -1.14 20.26
C GLN B 70 2.96 -0.01 19.86
N ILE B 71 2.98 1.06 20.65
CA ILE B 71 3.82 2.21 20.38
C ILE B 71 4.70 2.53 21.56
N LEU B 72 5.98 2.75 21.27
CA LEU B 72 7.01 3.06 22.25
C LEU B 72 7.11 4.58 22.37
N MET B 73 7.04 5.08 23.61
CA MET B 73 7.15 6.51 23.85
C MET B 73 8.43 6.82 24.61
N ILE B 74 9.46 7.25 23.89
CA ILE B 74 10.75 7.57 24.50
C ILE B 74 10.67 8.81 25.38
N ARG B 75 11.31 8.75 26.54
CA ARG B 75 11.31 9.87 27.46
C ARG B 75 11.97 9.52 28.79
N TYR B 76 11.45 10.11 29.87
CA TYR B 76 11.99 9.86 31.20
C TYR B 76 11.14 8.85 31.96
N PRO B 77 11.84 7.77 32.34
CA PRO B 77 13.31 7.79 32.40
C PRO B 77 13.99 6.74 31.61
N SER B 78 13.66 5.49 31.96
CA SER B 78 13.86 4.32 31.13
C SER B 78 12.46 4.01 30.63
N SER B 79 12.12 4.62 29.50
CA SER B 79 10.75 4.85 29.05
C SER B 79 9.93 3.63 28.59
N GLN B 80 8.62 3.72 28.66
CA GLN B 80 7.78 2.57 28.54
C GLN B 80 6.93 2.47 27.31
N LEU B 81 6.56 1.25 26.99
CA LEU B 81 5.84 0.94 25.73
C LEU B 81 4.32 0.90 25.94
N GLY B 82 3.58 1.51 25.02
CA GLY B 82 2.14 1.67 25.18
C GLY B 82 1.28 1.16 24.02
N GLU B 83 0.03 1.64 23.97
CA GLU B 83 -0.96 1.19 22.98
C GLU B 83 -1.78 2.33 22.37
N MET B 84 -2.35 2.06 21.19
CA MET B 84 -3.34 2.93 20.56
C MET B 84 -4.19 2.19 19.51
N SER B 85 -5.43 2.65 19.34
CA SER B 85 -6.35 2.07 18.36
C SER B 85 -6.72 3.07 17.28
N LEU B 86 -6.99 2.55 16.09
CA LEU B 86 -7.29 3.36 14.90
C LEU B 86 -8.42 2.71 14.12
N GLU B 87 -8.72 3.22 12.93
CA GLU B 87 -9.80 2.67 12.10
C GLU B 87 -9.30 2.06 10.80
N GLU B 88 -9.17 0.74 10.76
CA GLU B 88 -8.75 0.06 9.55
C GLU B 88 -9.97 -0.37 8.76
N HIS B 89 -9.89 -0.27 7.44
CA HIS B 89 -11.00 -0.62 6.56
C HIS B 89 -10.76 -1.93 5.81
N SER B 90 -11.75 -2.82 5.84
CA SER B 90 -11.63 -4.13 5.20
C SER B 90 -12.26 -4.16 3.81
N GLN B 91 -13.46 -3.59 3.68
CA GLN B 91 -14.11 -3.46 2.38
C GLN B 91 -14.62 -2.03 2.18
N CYS B 92 -14.74 -1.61 0.92
CA CYS B 92 -15.24 -0.28 0.59
C CYS B 92 -16.30 -0.35 -0.51
N GLU B 93 -16.94 0.79 -0.79
CA GLU B 93 -17.85 0.94 -1.93
C GLU B 93 -18.15 2.40 -2.28
N CYS B 94 -18.54 2.64 -3.53
CA CYS B 94 -18.98 3.96 -4.00
C CYS B 94 -20.46 4.23 -3.69
N ARG B 95 -20.70 5.13 -2.75
CA ARG B 95 -22.05 5.51 -2.35
C ARG B 95 -22.34 6.94 -2.75
N PRO B 96 -23.61 7.25 -3.08
CA PRO B 96 -23.96 8.62 -3.41
C PRO B 96 -23.81 9.50 -2.18
N LYS B 97 -23.29 10.71 -2.38
CA LYS B 97 -23.11 11.68 -1.30
C LYS B 97 -24.45 12.13 -0.73
N LYS B 98 -24.53 12.17 0.60
CA LYS B 98 -25.74 12.50 1.34
C LYS B 98 -26.15 13.98 1.23
N LYS B 99 -25.31 14.87 1.05
N SER C 1 16.75 -26.50 29.32
CA SER C 1 17.16 -25.08 29.42
C SER C 1 17.18 -24.42 28.04
N ASP C 2 17.40 -23.11 27.99
CA ASP C 2 17.57 -22.40 26.72
C ASP C 2 19.04 -22.16 26.37
N THR C 3 19.93 -22.46 27.33
CA THR C 3 21.39 -22.36 27.15
C THR C 3 21.84 -22.88 25.79
N GLY C 4 22.56 -22.04 25.07
CA GLY C 4 22.88 -22.25 23.67
C GLY C 4 22.56 -20.99 22.88
N ARG C 5 21.83 -20.08 23.53
CA ARG C 5 21.54 -18.74 23.01
C ARG C 5 22.84 -17.96 22.82
N PRO C 6 22.99 -17.31 21.66
CA PRO C 6 24.23 -16.61 21.36
C PRO C 6 24.33 -15.27 22.09
N PHE C 7 23.20 -14.60 22.30
CA PHE C 7 23.18 -13.23 22.80
C PHE C 7 23.07 -13.13 24.32
N VAL C 8 23.98 -12.35 24.91
CA VAL C 8 24.08 -12.20 26.37
C VAL C 8 22.85 -11.51 26.96
N GLU C 9 22.59 -10.28 26.53
CA GLU C 9 21.43 -9.54 27.03
C GLU C 9 20.17 -10.08 26.36
N MET C 10 19.44 -10.88 27.14
CA MET C 10 18.30 -11.66 26.69
C MET C 10 17.10 -10.80 26.30
N TYR C 11 16.12 -11.43 25.64
CA TYR C 11 14.81 -10.81 25.38
C TYR C 11 14.56 -10.34 23.96
N SER C 12 14.77 -9.05 23.73
CA SER C 12 14.52 -8.38 22.44
C SER C 12 13.20 -8.72 21.73
N GLU C 13 12.11 -8.23 22.33
CA GLU C 13 10.83 -8.13 21.64
C GLU C 13 10.63 -6.62 21.50
N ILE C 14 11.25 -5.90 22.42
CA ILE C 14 11.40 -4.47 22.38
C ILE C 14 12.90 -4.23 22.23
N PRO C 15 13.31 -3.36 21.30
CA PRO C 15 14.73 -3.06 21.15
C PRO C 15 15.24 -2.25 22.33
N GLU C 16 16.55 -2.27 22.55
CA GLU C 16 17.17 -1.42 23.56
C GLU C 16 17.35 -0.02 23.01
N ILE C 17 16.90 0.96 23.78
CA ILE C 17 16.98 2.35 23.40
C ILE C 17 18.38 2.88 23.69
N ILE C 18 19.10 3.24 22.63
CA ILE C 18 20.47 3.72 22.73
C ILE C 18 20.53 5.15 22.26
N HIS C 19 21.06 6.03 23.10
CA HIS C 19 21.24 7.40 22.69
C HIS C 19 22.50 7.50 21.88
N MET C 20 22.44 8.28 20.80
CA MET C 20 23.62 8.55 19.98
C MET C 20 23.60 9.94 19.36
N THR C 21 24.73 10.31 18.77
CA THR C 21 24.93 11.59 18.10
C THR C 21 25.89 11.43 16.93
N GLU C 22 25.68 12.22 15.88
CA GLU C 22 26.47 12.12 14.66
C GLU C 22 27.92 12.58 14.82
N GLY C 23 28.84 11.78 14.30
CA GLY C 23 30.27 12.07 14.37
C GLY C 23 30.99 11.31 15.47
N ARG C 24 30.23 10.84 16.47
CA ARG C 24 30.81 10.10 17.61
C ARG C 24 30.59 8.58 17.59
N GLU C 25 31.12 7.90 18.60
CA GLU C 25 31.13 6.44 18.65
C GLU C 25 29.72 5.85 18.69
N LEU C 26 29.54 4.72 18.00
CA LEU C 26 28.32 3.95 18.14
C LEU C 26 28.64 2.50 18.48
N VAL C 27 28.07 2.06 19.59
CA VAL C 27 28.26 0.71 20.06
C VAL C 27 26.91 0.00 20.01
N ILE C 28 26.84 -1.04 19.18
CA ILE C 28 25.68 -1.94 19.15
C ILE C 28 26.04 -3.13 20.02
N PRO C 29 25.66 -3.07 21.30
CA PRO C 29 26.23 -3.93 22.34
C PRO C 29 25.72 -5.37 22.36
N CYS C 30 25.41 -5.93 21.19
CA CYS C 30 24.91 -7.30 21.09
C CYS C 30 26.00 -8.36 21.31
N ARG C 31 26.66 -8.26 22.47
CA ARG C 31 27.77 -9.15 22.80
C ARG C 31 27.30 -10.59 22.92
N VAL C 32 28.04 -11.49 22.28
CA VAL C 32 27.83 -12.92 22.42
C VAL C 32 28.67 -13.45 23.59
N THR C 33 28.34 -14.65 24.05
CA THR C 33 29.19 -15.33 25.01
C THR C 33 30.43 -15.85 24.26
N SER C 34 30.34 -17.05 23.69
CA SER C 34 31.48 -17.67 23.01
C SER C 34 32.03 -16.77 21.91
N PRO C 35 33.35 -16.52 21.93
CA PRO C 35 34.03 -15.65 20.98
C PRO C 35 33.62 -15.91 19.54
N ASN C 36 33.74 -17.16 19.10
CA ASN C 36 33.47 -17.55 17.72
C ASN C 36 32.00 -17.85 17.40
N ILE C 37 31.18 -16.81 17.45
CA ILE C 37 29.81 -16.88 16.94
C ILE C 37 29.66 -15.85 15.82
N THR C 38 29.10 -16.30 14.70
CA THR C 38 28.90 -15.48 13.51
C THR C 38 27.71 -14.53 13.71
N VAL C 39 28.01 -13.26 13.93
CA VAL C 39 26.98 -12.24 14.16
C VAL C 39 27.00 -11.22 13.03
N THR C 40 25.83 -10.95 12.48
CA THR C 40 25.67 -10.01 11.37
C THR C 40 24.76 -8.83 11.73
N LEU C 41 25.36 -7.65 11.85
CA LEU C 41 24.62 -6.42 12.16
C LEU C 41 23.90 -5.89 10.94
N LYS C 42 22.60 -5.71 11.06
CA LYS C 42 21.79 -5.13 10.00
C LYS C 42 21.24 -3.76 10.41
N LYS C 43 20.33 -3.26 9.62
CA LYS C 43 19.74 -1.99 9.85
C LYS C 43 18.52 -1.89 8.98
N PHE C 44 17.37 -1.89 9.57
CA PHE C 44 16.21 -1.80 8.77
C PHE C 44 16.41 -0.64 7.83
N PRO C 45 16.40 -0.89 6.53
CA PRO C 45 15.89 -2.10 5.92
C PRO C 45 16.93 -3.13 5.50
N LEU C 46 17.37 -3.06 4.26
CA LEU C 46 18.16 -4.13 3.66
C LEU C 46 19.65 -4.00 3.59
N ASP C 47 20.16 -2.97 4.22
CA ASP C 47 21.60 -2.67 4.23
C ASP C 47 22.29 -3.25 5.46
N THR C 48 23.03 -4.34 5.26
CA THR C 48 23.86 -4.91 6.31
C THR C 48 25.20 -4.18 6.36
N LEU C 49 25.74 -4.00 7.56
CA LEU C 49 27.04 -3.37 7.76
C LEU C 49 28.05 -4.42 8.24
N ILE C 50 29.18 -4.53 7.53
CA ILE C 50 30.19 -5.55 7.84
C ILE C 50 31.45 -4.93 8.46
N PRO C 51 31.90 -5.47 9.63
CA PRO C 51 33.13 -5.11 10.34
C PRO C 51 34.37 -4.87 9.47
N ASP C 52 35.35 -4.16 10.05
CA ASP C 52 36.62 -3.84 9.40
C ASP C 52 37.45 -2.97 10.33
N GLY C 53 37.57 -1.70 9.97
CA GLY C 53 38.26 -0.71 10.79
C GLY C 53 37.45 0.56 10.95
N LYS C 54 37.08 0.86 12.20
CA LYS C 54 36.36 2.09 12.54
C LYS C 54 34.92 2.10 12.06
N ARG C 55 34.74 2.27 10.76
CA ARG C 55 33.43 2.21 10.11
C ARG C 55 32.64 0.96 10.46
N ILE C 56 33.32 -0.01 11.07
CA ILE C 56 32.71 -1.19 11.67
C ILE C 56 33.78 -2.02 12.37
N ILE C 57 33.56 -2.32 13.64
CA ILE C 57 34.46 -3.19 14.40
C ILE C 57 33.68 -4.24 15.19
N TRP C 58 34.07 -5.49 15.03
CA TRP C 58 33.48 -6.60 15.76
C TRP C 58 34.27 -6.95 17.02
N ASP C 59 33.55 -7.13 18.11
CA ASP C 59 34.14 -7.48 19.40
C ASP C 59 33.18 -8.43 20.13
N SER C 60 33.69 -9.60 20.50
CA SER C 60 32.84 -10.64 21.09
C SER C 60 32.33 -10.26 22.48
N ARG C 61 33.20 -9.63 23.28
CA ARG C 61 32.84 -9.19 24.61
C ARG C 61 32.22 -7.79 24.64
N LYS C 62 32.15 -7.13 23.48
CA LYS C 62 31.60 -5.78 23.39
C LYS C 62 30.47 -5.67 22.37
N GLY C 63 30.80 -5.81 21.08
CA GLY C 63 29.80 -5.73 20.03
C GLY C 63 30.29 -4.93 18.84
N PHE C 64 29.37 -4.48 18.00
CA PHE C 64 29.72 -3.66 16.85
C PHE C 64 29.98 -2.22 17.31
N ILE C 65 31.23 -1.79 17.16
CA ILE C 65 31.66 -0.47 17.60
C ILE C 65 31.94 0.39 16.37
N ILE C 66 31.00 1.30 16.11
CA ILE C 66 31.07 2.17 14.96
C ILE C 66 31.63 3.52 15.38
N SER C 67 32.78 3.86 14.80
CA SER C 67 33.37 5.17 15.00
C SER C 67 32.78 6.12 13.97
N ASN C 68 32.41 7.32 14.44
CA ASN C 68 31.84 8.37 13.58
C ASN C 68 30.48 8.00 12.97
N ALA C 69 29.53 7.67 13.84
CA ALA C 69 28.18 7.28 13.45
C ALA C 69 27.47 8.36 12.62
N THR C 70 26.57 7.93 11.73
CA THR C 70 25.76 8.87 10.94
C THR C 70 24.26 8.65 11.11
N TYR C 71 23.48 9.43 10.38
CA TYR C 71 22.03 9.31 10.34
C TYR C 71 21.63 7.98 9.73
N LYS C 72 22.47 7.50 8.80
CA LYS C 72 22.32 6.18 8.19
C LYS C 72 22.15 5.11 9.26
N GLU C 73 22.69 5.38 10.45
CA GLU C 73 22.62 4.47 11.59
C GLU C 73 21.54 4.82 12.62
N ILE C 74 20.73 5.84 12.37
CA ILE C 74 19.65 6.23 13.29
C ILE C 74 18.38 5.37 13.10
N GLY C 75 18.06 4.54 14.10
CA GLY C 75 16.89 3.68 14.03
C GLY C 75 17.11 2.26 14.48
N LEU C 76 16.48 1.31 13.80
CA LEU C 76 16.45 -0.09 14.24
C LEU C 76 17.59 -0.93 13.66
N LEU C 77 18.58 -1.20 14.50
CA LEU C 77 19.67 -2.08 14.11
C LEU C 77 19.44 -3.44 14.74
N THR C 78 19.43 -4.47 13.90
CA THR C 78 19.24 -5.84 14.37
C THR C 78 20.52 -6.67 14.30
N CYS C 79 20.86 -7.32 15.42
CA CYS C 79 21.95 -8.32 15.46
C CYS C 79 21.38 -9.75 15.33
N GLU C 80 21.93 -10.51 14.38
CA GLU C 80 21.46 -11.87 14.08
C GLU C 80 22.52 -12.93 14.33
N ALA C 81 22.08 -14.08 14.82
CA ALA C 81 22.97 -15.24 14.99
C ALA C 81 22.21 -16.57 14.93
N THR C 82 22.64 -17.42 14.00
CA THR C 82 22.06 -18.75 13.81
C THR C 82 22.87 -19.78 14.60
N VAL C 83 22.22 -20.41 15.58
CA VAL C 83 22.86 -21.44 16.39
C VAL C 83 22.00 -22.70 16.37
N ASN C 84 22.57 -23.78 15.82
CA ASN C 84 21.88 -25.06 15.58
C ASN C 84 20.59 -24.94 14.77
N GLY C 85 20.63 -24.12 13.72
CA GLY C 85 19.48 -23.93 12.83
C GLY C 85 18.59 -22.75 13.20
N HIS C 86 18.50 -22.47 14.50
CA HIS C 86 17.62 -21.41 15.04
C HIS C 86 18.21 -20.00 14.91
N LEU C 87 17.47 -19.11 14.24
CA LEU C 87 17.95 -17.76 13.96
C LEU C 87 17.58 -16.75 15.06
N TYR C 88 18.50 -16.56 16.01
CA TYR C 88 18.31 -15.61 17.10
C TYR C 88 18.54 -14.18 16.62
N LYS C 89 17.72 -13.26 17.11
CA LYS C 89 17.85 -11.84 16.75
C LYS C 89 17.59 -10.89 17.90
N THR C 90 18.56 -10.03 18.16
CA THR C 90 18.40 -8.99 19.17
C THR C 90 18.41 -7.59 18.56
N ASN C 91 17.53 -6.73 19.08
CA ASN C 91 17.20 -5.45 18.44
C ASN C 91 17.65 -4.23 19.23
N TYR C 92 17.98 -3.17 18.52
CA TYR C 92 18.53 -1.94 19.13
C TYR C 92 18.05 -0.70 18.39
N LEU C 93 17.38 0.18 19.12
CA LEU C 93 16.82 1.40 18.57
C LEU C 93 17.61 2.61 19.04
N THR C 94 18.13 3.37 18.08
CA THR C 94 18.95 4.55 18.36
C THR C 94 18.20 5.84 18.04
N HIS C 95 18.73 6.96 18.52
CA HIS C 95 18.15 8.28 18.29
C HIS C 95 19.08 9.38 18.77
N ARG C 96 18.63 10.62 18.66
CA ARG C 96 19.36 11.80 19.14
C ARG C 96 18.46 12.76 19.94
N GLN C 97 19.00 13.95 20.24
CA GLN C 97 18.26 15.00 20.94
C GLN C 97 18.05 14.70 22.41
N THR C 98 19.00 14.66 23.20
N GLY D 4 -13.73 -20.21 -30.98
CA GLY D 4 -13.32 -20.33 -29.55
C GLY D 4 -13.88 -19.24 -28.65
N ARG D 5 -13.71 -17.98 -29.07
CA ARG D 5 -14.19 -16.82 -28.32
C ARG D 5 -15.72 -16.83 -28.19
N PRO D 6 -16.22 -16.62 -26.95
CA PRO D 6 -17.66 -16.72 -26.67
C PRO D 6 -18.46 -15.45 -26.99
N PHE D 7 -17.83 -14.29 -26.86
CA PHE D 7 -18.53 -13.02 -27.06
C PHE D 7 -18.50 -12.58 -28.51
N VAL D 8 -19.65 -12.13 -29.00
CA VAL D 8 -19.84 -11.72 -30.39
C VAL D 8 -18.84 -10.66 -30.85
N GLU D 9 -18.71 -9.59 -30.07
CA GLU D 9 -17.78 -8.51 -30.36
C GLU D 9 -16.35 -8.90 -29.96
N MET D 10 -15.39 -8.77 -30.89
CA MET D 10 -13.99 -9.06 -30.59
C MET D 10 -13.51 -8.17 -29.43
N TYR D 11 -12.51 -8.64 -28.70
CA TYR D 11 -12.03 -7.88 -27.55
C TYR D 11 -11.48 -6.52 -27.95
N SER D 12 -11.86 -5.51 -27.19
CA SER D 12 -11.27 -4.20 -27.33
C SER D 12 -10.68 -3.74 -26.01
N GLU D 13 -9.58 -3.01 -26.10
CA GLU D 13 -9.01 -2.33 -24.93
C GLU D 13 -9.98 -1.24 -24.49
N ILE D 14 -10.63 -0.62 -25.46
CA ILE D 14 -11.71 0.33 -25.21
C ILE D 14 -13.00 -0.42 -24.88
N PRO D 15 -13.57 -0.17 -23.68
CA PRO D 15 -14.85 -0.77 -23.35
C PRO D 15 -16.00 -0.03 -24.02
N GLU D 16 -17.13 -0.71 -24.22
CA GLU D 16 -18.34 -0.08 -24.71
C GLU D 16 -18.75 1.02 -23.73
N ILE D 17 -19.14 2.17 -24.24
CA ILE D 17 -19.67 3.23 -23.38
C ILE D 17 -21.20 3.13 -23.34
N ILE D 18 -21.75 3.21 -22.14
CA ILE D 18 -23.19 3.23 -21.96
C ILE D 18 -23.62 4.43 -21.12
N HIS D 19 -24.57 5.19 -21.66
CA HIS D 19 -25.14 6.35 -20.99
C HIS D 19 -26.32 5.90 -20.12
N MET D 20 -26.03 5.38 -18.94
CA MET D 20 -27.08 4.86 -18.04
C MET D 20 -27.73 5.94 -17.16
N THR D 21 -28.83 5.56 -16.51
CA THR D 21 -29.56 6.41 -15.58
C THR D 21 -30.31 5.57 -14.55
N GLU D 22 -30.25 6.01 -13.29
CA GLU D 22 -30.79 5.25 -12.15
C GLU D 22 -32.30 5.14 -12.20
N GLY D 23 -32.79 3.93 -11.95
CA GLY D 23 -34.23 3.65 -11.96
C GLY D 23 -34.70 3.12 -13.30
N ARG D 24 -33.90 3.34 -14.34
CA ARG D 24 -34.20 2.87 -15.68
C ARG D 24 -33.67 1.46 -15.91
N GLU D 25 -33.96 0.93 -17.09
CA GLU D 25 -33.46 -0.37 -17.51
C GLU D 25 -32.03 -0.24 -18.02
N LEU D 26 -31.16 -1.14 -17.57
CA LEU D 26 -29.79 -1.22 -18.07
C LEU D 26 -29.51 -2.57 -18.74
N VAL D 27 -28.97 -2.50 -19.95
CA VAL D 27 -28.56 -3.70 -20.67
C VAL D 27 -27.05 -3.71 -20.82
N ILE D 28 -26.45 -4.80 -20.37
CA ILE D 28 -25.04 -5.07 -20.64
C ILE D 28 -25.05 -6.05 -21.81
N PRO D 29 -24.91 -5.52 -23.04
CA PRO D 29 -25.24 -6.23 -24.27
C PRO D 29 -24.21 -7.25 -24.74
N CYS D 30 -23.55 -7.90 -23.80
CA CYS D 30 -22.54 -8.91 -24.12
C CYS D 30 -23.19 -10.23 -24.54
N ARG D 31 -23.90 -10.22 -25.66
CA ARG D 31 -24.50 -11.45 -26.16
C ARG D 31 -23.43 -12.48 -26.57
N VAL D 32 -23.80 -13.75 -26.54
CA VAL D 32 -22.85 -14.84 -26.82
C VAL D 32 -23.08 -15.53 -28.16
N THR D 33 -22.09 -16.33 -28.57
CA THR D 33 -22.13 -17.03 -29.84
C THR D 33 -22.66 -18.46 -29.71
N SER D 34 -22.71 -18.97 -28.47
CA SER D 34 -23.13 -20.35 -28.20
C SER D 34 -24.04 -20.44 -26.96
N PRO D 35 -24.88 -21.49 -26.89
CA PRO D 35 -26.02 -21.40 -25.98
C PRO D 35 -25.82 -21.98 -24.57
N ASN D 36 -24.71 -22.67 -24.33
CA ASN D 36 -24.49 -23.37 -23.06
C ASN D 36 -23.42 -22.71 -22.19
N ILE D 37 -23.21 -21.42 -22.43
CA ILE D 37 -22.14 -20.67 -21.77
C ILE D 37 -22.68 -19.99 -20.52
N THR D 38 -21.99 -20.22 -19.42
CA THR D 38 -22.27 -19.56 -18.15
C THR D 38 -21.49 -18.25 -18.11
N VAL D 39 -22.19 -17.14 -18.32
CA VAL D 39 -21.54 -15.83 -18.33
C VAL D 39 -21.79 -15.11 -17.00
N THR D 40 -20.70 -14.70 -16.37
CA THR D 40 -20.75 -13.97 -15.11
C THR D 40 -20.56 -12.47 -15.35
N LEU D 41 -21.46 -11.66 -14.84
CA LEU D 41 -21.26 -10.22 -14.85
C LEU D 41 -20.52 -9.80 -13.59
N LYS D 42 -19.25 -9.44 -13.75
CA LYS D 42 -18.43 -9.03 -12.62
C LYS D 42 -18.33 -7.50 -12.55
N LYS D 43 -17.94 -7.01 -11.38
CA LYS D 43 -17.81 -5.59 -11.15
C LYS D 43 -16.68 -5.35 -10.15
N PHE D 44 -15.49 -5.05 -10.65
CA PHE D 44 -14.35 -4.73 -9.80
C PHE D 44 -14.67 -3.51 -8.91
N PRO D 45 -14.29 -3.56 -7.61
CA PRO D 45 -13.44 -4.53 -6.90
C PRO D 45 -13.89 -6.00 -6.95
N LEU D 46 -14.93 -6.36 -6.20
CA LEU D 46 -15.35 -7.76 -6.11
C LEU D 46 -16.86 -7.99 -6.23
N ASP D 47 -17.63 -6.91 -6.29
CA ASP D 47 -19.07 -7.02 -6.52
C ASP D 47 -19.32 -7.92 -7.73
N THR D 48 -20.31 -8.79 -7.61
CA THR D 48 -20.68 -9.70 -8.71
C THR D 48 -22.19 -9.95 -8.76
N LEU D 49 -22.83 -9.47 -9.83
CA LEU D 49 -24.27 -9.51 -9.95
C LEU D 49 -24.80 -10.88 -10.40
N ILE D 50 -25.47 -11.56 -9.48
CA ILE D 50 -26.06 -12.87 -9.72
C ILE D 50 -27.49 -12.70 -10.24
N PRO D 51 -27.78 -13.22 -11.45
CA PRO D 51 -29.13 -13.12 -12.02
C PRO D 51 -30.16 -13.90 -11.22
N ASP D 52 -31.42 -13.50 -11.32
CA ASP D 52 -32.50 -14.08 -10.53
C ASP D 52 -33.74 -14.39 -11.37
N GLY D 53 -33.70 -14.01 -12.65
CA GLY D 53 -34.80 -14.26 -13.57
C GLY D 53 -35.72 -13.08 -13.78
N LYS D 54 -35.61 -12.05 -12.92
CA LYS D 54 -36.50 -10.89 -13.02
C LYS D 54 -35.76 -9.56 -12.86
N ARG D 55 -35.24 -9.30 -11.67
CA ARG D 55 -34.52 -8.06 -11.37
C ARG D 55 -33.20 -7.98 -12.17
N ILE D 56 -32.51 -9.11 -12.25
CA ILE D 56 -31.35 -9.26 -13.12
C ILE D 56 -31.61 -10.44 -14.05
N ILE D 57 -31.75 -10.17 -15.34
CA ILE D 57 -32.08 -11.21 -16.32
C ILE D 57 -30.92 -11.48 -17.28
N TRP D 58 -30.51 -12.75 -17.34
CA TRP D 58 -29.55 -13.21 -18.34
C TRP D 58 -30.29 -13.76 -19.56
N ASP D 59 -29.78 -13.42 -20.74
CA ASP D 59 -30.35 -13.85 -22.01
C ASP D 59 -29.23 -13.93 -23.04
N SER D 60 -29.16 -15.06 -23.74
CA SER D 60 -28.03 -15.36 -24.61
C SER D 60 -27.98 -14.49 -25.86
N ARG D 61 -29.16 -14.04 -26.30
CA ARG D 61 -29.27 -13.24 -27.53
C ARG D 61 -29.28 -11.73 -27.30
N LYS D 62 -29.12 -11.30 -26.04
CA LYS D 62 -29.10 -9.87 -25.71
C LYS D 62 -28.02 -9.53 -24.69
N GLY D 63 -27.92 -10.34 -23.63
CA GLY D 63 -26.98 -10.10 -22.55
C GLY D 63 -27.67 -10.02 -21.20
N PHE D 64 -27.15 -9.17 -20.33
CA PHE D 64 -27.76 -8.93 -19.03
C PHE D 64 -28.76 -7.78 -19.12
N ILE D 65 -29.92 -7.97 -18.51
CA ILE D 65 -30.97 -6.97 -18.50
C ILE D 65 -31.35 -6.67 -17.05
N ILE D 66 -31.18 -5.41 -16.67
CA ILE D 66 -31.38 -4.96 -15.29
C ILE D 66 -32.47 -3.89 -15.23
N SER D 67 -33.67 -4.31 -14.84
CA SER D 67 -34.77 -3.38 -14.65
C SER D 67 -34.51 -2.58 -13.38
N ASN D 68 -34.61 -1.26 -13.48
CA ASN D 68 -34.38 -0.37 -12.33
C ASN D 68 -32.94 -0.41 -11.83
N ALA D 69 -32.05 0.23 -12.59
CA ALA D 69 -30.64 0.33 -12.24
C ALA D 69 -30.42 1.14 -10.98
N THR D 70 -29.34 0.82 -10.26
CA THR D 70 -28.98 1.52 -9.03
C THR D 70 -27.66 2.27 -9.22
N TYR D 71 -27.15 2.86 -8.13
CA TYR D 71 -25.85 3.51 -8.14
C TYR D 71 -24.74 2.47 -8.19
N LYS D 72 -25.00 1.31 -7.58
CA LYS D 72 -24.07 0.18 -7.56
C LYS D 72 -23.61 -0.17 -8.97
N GLU D 73 -24.50 0.05 -9.94
CA GLU D 73 -24.23 -0.27 -11.33
C GLU D 73 -23.45 0.79 -12.11
N ILE D 74 -23.13 1.92 -11.47
CA ILE D 74 -22.31 2.96 -12.11
C ILE D 74 -20.85 2.62 -11.95
N GLY D 75 -20.13 2.57 -13.08
CA GLY D 75 -18.74 2.15 -13.12
C GLY D 75 -18.52 1.08 -14.18
N LEU D 76 -17.49 0.27 -13.99
CA LEU D 76 -17.11 -0.74 -14.98
C LEU D 76 -17.77 -2.09 -14.70
N LEU D 77 -18.45 -2.62 -15.71
CA LEU D 77 -19.07 -3.94 -15.61
C LEU D 77 -18.44 -4.88 -16.63
N THR D 78 -18.02 -6.06 -16.16
CA THR D 78 -17.29 -6.97 -17.03
C THR D 78 -18.01 -8.30 -17.15
N CYS D 79 -18.49 -8.59 -18.35
CA CYS D 79 -18.98 -9.93 -18.68
C CYS D 79 -17.81 -10.89 -18.77
N GLU D 80 -17.86 -11.97 -18.00
CA GLU D 80 -16.82 -12.99 -18.00
C GLU D 80 -17.32 -14.36 -18.46
N ALA D 81 -16.46 -15.07 -19.18
CA ALA D 81 -16.77 -16.41 -19.68
C ALA D 81 -15.52 -17.27 -19.86
N THR D 82 -15.63 -18.53 -19.47
CA THR D 82 -14.51 -19.48 -19.50
C THR D 82 -14.73 -20.55 -20.56
N VAL D 83 -13.89 -20.55 -21.60
CA VAL D 83 -13.98 -21.57 -22.66
C VAL D 83 -12.65 -22.32 -22.82
N ASN D 84 -12.68 -23.60 -22.46
CA ASN D 84 -11.50 -24.46 -22.41
C ASN D 84 -10.47 -23.97 -21.39
N GLY D 85 -10.96 -23.51 -20.25
CA GLY D 85 -10.10 -22.88 -19.26
C GLY D 85 -9.80 -21.42 -19.56
N HIS D 86 -9.71 -21.06 -20.85
CA HIS D 86 -9.43 -19.69 -21.24
C HIS D 86 -10.57 -18.77 -20.85
N LEU D 87 -10.27 -17.86 -19.92
CA LEU D 87 -11.21 -16.85 -19.47
C LEU D 87 -11.25 -15.70 -20.46
N TYR D 88 -12.45 -15.39 -20.96
CA TYR D 88 -12.67 -14.22 -21.82
C TYR D 88 -13.54 -13.21 -21.10
N LYS D 89 -13.13 -11.95 -21.17
CA LYS D 89 -13.90 -10.87 -20.56
C LYS D 89 -14.21 -9.74 -21.55
N THR D 90 -15.40 -9.17 -21.42
CA THR D 90 -15.72 -7.94 -22.14
C THR D 90 -16.13 -6.85 -21.14
N ASN D 91 -15.34 -5.79 -21.13
CA ASN D 91 -15.52 -4.67 -20.22
C ASN D 91 -16.56 -3.66 -20.72
N TYR D 92 -17.38 -3.16 -19.80
CA TYR D 92 -18.42 -2.18 -20.11
C TYR D 92 -18.40 -1.04 -19.10
N LEU D 93 -18.21 0.18 -19.59
CA LEU D 93 -18.20 1.34 -18.72
C LEU D 93 -19.56 2.02 -18.72
N THR D 94 -20.16 2.14 -17.54
CA THR D 94 -21.40 2.88 -17.42
C THR D 94 -21.19 4.24 -16.74
N HIS D 95 -21.92 5.24 -17.21
CA HIS D 95 -21.90 6.57 -16.61
C HIS D 95 -23.28 7.21 -16.67
N ARG D 96 -23.52 8.17 -15.74
CA ARG D 96 -24.72 8.97 -15.73
C ARG D 96 -24.37 10.43 -15.99
N GLN D 97 -25.39 11.22 -16.18
CA GLN D 97 -25.23 12.66 -16.38
C GLN D 97 -24.64 13.33 -15.13
N THR D 98 -23.77 14.32 -15.35
CA THR D 98 -23.13 15.13 -14.29
C THR D 98 -22.20 14.31 -13.38
C1 GOL E . -16.36 -7.08 9.39
O1 GOL E . -17.59 -7.02 10.08
C2 GOL E . -15.30 -6.44 10.28
O2 GOL E . -14.74 -7.43 11.10
C3 GOL E . -14.21 -5.79 9.43
O3 GOL E . -13.03 -5.63 10.18
#